data_2YHY
#
_entry.id   2YHY
#
_cell.length_a   90.380
_cell.length_b   90.380
_cell.length_c   101.160
_cell.angle_alpha   90.00
_cell.angle_beta   90.00
_cell.angle_gamma   90.00
#
_symmetry.space_group_name_H-M   'P 41 21 2'
#
loop_
_entity.id
_entity.type
_entity.pdbx_description
1 polymer 'BIFUNCTIONAL UDP-N-ACETYLGLUCOSAMINE 2-EPIMERASE/N-ACETYLMANNOSAMINE KINASE'
2 non-polymer 2-acetamido-2-deoxy-alpha-D-mannopyranose
3 non-polymer 'CALCIUM ION'
4 non-polymer 'NONAETHYLENE GLYCOL'
5 non-polymer 'TETRAETHYLENE GLYCOL'
6 non-polymer 1,2-ETHANEDIOL
7 non-polymer 'TRIETHYLENE GLYCOL'
8 non-polymer 'MAGNESIUM ION'
9 non-polymer "ADENOSINE-5'-DIPHOSPHATE"
10 non-polymer 'CHLORIDE ION'
11 non-polymer 'ZINC ION'
12 water water
#
_entity_poly.entity_id   1
_entity_poly.type   'polypeptide(L)'
_entity_poly.pdbx_seq_one_letter_code
;MGSSHHHHHHSSGLVPRGSHMENLYFQGTLSALAVDLGGTNLRVAIVSMKGEIVKKYTQFNPKTYEERINLILQMCVEAA
AEAVKLNCRILGVGISTGGRVNPREGIVLHSTKLIQEWNSVDLRTPLSDTLHLPVWVDNDGNCAALAERKFGQGKGLENF
VTLITGTGIGGGIIHQHELIHGSSFCAAELGHLVVSLDGPDCSCGSHGCIEAYASGMALQREAKKLHDEDLLLVEGMSVP
KDEAVGALHLIQAAKLGNAKAQSILRTAGTALGLGVVNILHTMNPSLVILSGVLASHYIHIVKDVIRQQALSSVQDVDVV
VSDLVDPALLGAASMVLDYTTRR
;
_entity_poly.pdbx_strand_id   A
#
# COMPACT_ATOMS: atom_id res chain seq x y z
N GLY A 28 8.96 -28.42 10.47
CA GLY A 28 8.05 -27.52 9.80
C GLY A 28 8.75 -26.39 9.08
N THR A 29 8.09 -25.85 8.07
CA THR A 29 8.59 -24.70 7.35
C THR A 29 8.35 -23.55 8.33
N LEU A 30 9.40 -22.83 8.65
CA LEU A 30 9.26 -21.67 9.52
C LEU A 30 8.46 -20.63 8.73
N SER A 31 7.45 -20.07 9.37
CA SER A 31 6.47 -19.23 8.66
C SER A 31 5.95 -18.17 9.58
N ALA A 32 5.19 -17.27 8.99
CA ALA A 32 4.49 -16.20 9.70
C ALA A 32 3.06 -16.21 9.29
N LEU A 33 2.16 -15.76 10.17
CA LEU A 33 0.85 -15.37 9.78
C LEU A 33 0.89 -13.88 9.49
N ALA A 34 0.33 -13.47 8.37
CA ALA A 34 0.29 -12.12 7.95
C ALA A 34 -1.13 -11.68 7.68
N VAL A 35 -1.45 -10.47 8.15
CA VAL A 35 -2.81 -9.90 7.95
C VAL A 35 -2.61 -8.60 7.22
N ASP A 36 -3.49 -8.31 6.25
CA ASP A 36 -3.46 -6.99 5.58
C ASP A 36 -4.88 -6.43 5.50
N LEU A 37 -5.05 -5.26 6.07
N LEU A 37 -5.09 -5.31 6.18
CA LEU A 37 -6.35 -4.62 6.20
CA LEU A 37 -6.39 -4.58 6.23
C LEU A 37 -6.29 -3.33 5.39
C LEU A 37 -6.27 -3.33 5.37
N GLY A 38 -6.94 -3.34 4.23
CA GLY A 38 -6.95 -2.16 3.37
C GLY A 38 -8.29 -1.53 3.26
N GLY A 39 -8.37 -0.57 2.33
CA GLY A 39 -9.61 0.12 1.97
C GLY A 39 -10.74 -0.76 1.44
N THR A 40 -10.45 -1.94 0.96
CA THR A 40 -11.47 -2.83 0.42
C THR A 40 -11.47 -4.24 1.03
N ASN A 41 -10.30 -4.83 1.01
CA ASN A 41 -10.11 -6.26 1.34
C ASN A 41 -9.33 -6.53 2.67
N LEU A 42 -9.68 -7.59 3.39
CA LEU A 42 -8.97 -8.09 4.56
C LEU A 42 -8.42 -9.46 4.11
N ARG A 43 -7.11 -9.59 4.17
CA ARG A 43 -6.47 -10.81 3.72
C ARG A 43 -5.61 -11.33 4.87
N VAL A 44 -5.55 -12.67 4.98
CA VAL A 44 -4.75 -13.37 5.98
C VAL A 44 -4.00 -14.44 5.23
N ALA A 45 -2.70 -14.52 5.46
CA ALA A 45 -1.87 -15.51 4.78
C ALA A 45 -0.86 -16.16 5.66
N ILE A 46 -0.50 -17.40 5.26
CA ILE A 46 0.63 -18.12 5.79
C ILE A 46 1.76 -17.81 4.81
N VAL A 47 2.85 -17.25 5.34
CA VAL A 47 3.99 -16.83 4.49
C VAL A 47 5.22 -17.52 4.98
N SER A 48 5.98 -18.12 4.07
CA SER A 48 7.24 -18.80 4.46
C SER A 48 8.37 -17.83 4.70
N MET A 49 9.48 -18.32 5.28
N MET A 49 9.48 -18.34 5.30
CA MET A 49 10.59 -17.44 5.60
CA MET A 49 10.70 -17.55 5.56
C MET A 49 11.30 -16.98 4.34
C MET A 49 11.18 -16.89 4.31
N LYS A 50 11.00 -17.61 3.21
CA LYS A 50 11.51 -17.16 1.90
C LYS A 50 10.60 -16.23 1.13
N GLY A 51 9.48 -15.88 1.71
CA GLY A 51 8.57 -14.96 1.08
C GLY A 51 7.59 -15.62 0.12
N GLU A 52 7.38 -16.91 0.24
CA GLU A 52 6.31 -17.61 -0.51
C GLU A 52 5.00 -17.55 0.24
N ILE A 53 3.94 -17.14 -0.47
CA ILE A 53 2.60 -17.16 0.10
C ILE A 53 2.11 -18.56 -0.03
N VAL A 54 2.01 -19.26 1.09
CA VAL A 54 1.64 -20.67 1.11
C VAL A 54 0.11 -20.82 0.87
N LYS A 55 -0.62 -19.96 1.54
CA LYS A 55 -2.09 -19.95 1.47
C LYS A 55 -2.56 -18.57 1.83
N LYS A 56 -3.59 -18.06 1.13
CA LYS A 56 -4.14 -16.75 1.38
C LYS A 56 -5.68 -16.83 1.38
N TYR A 57 -6.23 -16.22 2.42
CA TYR A 57 -7.69 -16.05 2.58
C TYR A 57 -8.07 -14.63 2.38
N THR A 58 -9.18 -14.41 1.70
CA THR A 58 -9.59 -13.04 1.34
C THR A 58 -11.06 -12.86 1.70
N GLN A 59 -11.37 -11.75 2.39
CA GLN A 59 -12.73 -11.32 2.58
C GLN A 59 -12.78 -9.80 2.43
N PHE A 60 -13.98 -9.24 2.31
CA PHE A 60 -14.08 -7.78 2.37
C PHE A 60 -13.76 -7.33 3.78
N ASN A 61 -13.11 -6.21 3.88
CA ASN A 61 -12.89 -5.60 5.20
C ASN A 61 -14.22 -5.08 5.74
N PRO A 62 -14.77 -5.66 6.82
CA PRO A 62 -16.08 -5.16 7.29
C PRO A 62 -16.03 -3.65 7.65
N LYS A 63 -17.19 -3.05 7.78
CA LYS A 63 -17.25 -1.61 7.93
C LYS A 63 -17.38 -1.13 9.35
N THR A 64 -17.56 -2.06 10.27
CA THR A 64 -17.62 -1.77 11.69
C THR A 64 -16.52 -2.43 12.49
N TYR A 65 -16.22 -1.90 13.66
CA TYR A 65 -15.17 -2.42 14.49
C TYR A 65 -15.48 -3.85 14.96
N GLU A 66 -16.67 -4.04 15.50
CA GLU A 66 -16.98 -5.37 16.09
C GLU A 66 -16.89 -6.50 15.04
N GLU A 67 -17.42 -6.24 13.85
CA GLU A 67 -17.35 -7.21 12.82
C GLU A 67 -15.93 -7.42 12.35
N ARG A 68 -15.19 -6.33 12.24
CA ARG A 68 -13.84 -6.44 11.75
C ARG A 68 -12.92 -7.22 12.70
N ILE A 69 -12.97 -6.87 13.97
CA ILE A 69 -12.10 -7.56 14.94
C ILE A 69 -12.45 -9.04 14.99
N ASN A 70 -13.74 -9.36 14.97
CA ASN A 70 -14.19 -10.77 15.00
C ASN A 70 -13.73 -11.53 13.78
N LEU A 71 -13.80 -10.90 12.61
CA LEU A 71 -13.37 -11.57 11.39
C LEU A 71 -11.86 -11.76 11.33
N ILE A 72 -11.09 -10.75 11.80
CA ILE A 72 -9.63 -10.93 11.88
C ILE A 72 -9.30 -12.17 12.74
N LEU A 73 -9.96 -12.30 13.88
CA LEU A 73 -9.69 -13.37 14.80
C LEU A 73 -10.09 -14.69 14.19
N GLN A 74 -11.27 -14.73 13.57
N GLN A 74 -11.25 -14.74 13.55
CA GLN A 74 -11.74 -15.94 12.92
CA GLN A 74 -11.71 -15.98 12.94
C GLN A 74 -10.74 -16.42 11.87
C GLN A 74 -10.85 -16.46 11.79
N MET A 75 -10.41 -15.53 10.95
CA MET A 75 -9.53 -15.85 9.88
C MET A 75 -8.12 -16.27 10.35
N CYS A 76 -7.60 -15.59 11.39
CA CYS A 76 -6.32 -16.00 11.95
C CYS A 76 -6.37 -17.39 12.61
N VAL A 77 -7.45 -17.67 13.36
CA VAL A 77 -7.57 -18.99 13.99
C VAL A 77 -7.64 -20.06 12.93
N GLU A 78 -8.44 -19.82 11.89
CA GLU A 78 -8.55 -20.83 10.81
C GLU A 78 -7.21 -21.00 10.10
N ALA A 79 -6.53 -19.89 9.79
CA ALA A 79 -5.21 -19.97 9.14
C ALA A 79 -4.16 -20.70 9.98
N ALA A 80 -4.22 -20.46 11.28
CA ALA A 80 -3.31 -21.15 12.20
C ALA A 80 -3.54 -22.66 12.21
N ALA A 81 -4.81 -23.06 12.15
CA ALA A 81 -5.16 -24.49 12.13
C ALA A 81 -4.72 -25.13 10.80
N GLU A 82 -4.87 -24.38 9.72
CA GLU A 82 -4.47 -24.94 8.39
C GLU A 82 -2.96 -25.06 8.29
N ALA A 83 -2.27 -24.11 8.92
CA ALA A 83 -0.82 -24.13 8.94
C ALA A 83 -0.32 -25.44 9.50
N VAL A 84 -0.92 -25.88 10.59
CA VAL A 84 -0.55 -27.21 11.13
C VAL A 84 -0.75 -28.29 10.06
N LYS A 85 -1.89 -28.30 9.38
CA LYS A 85 -2.13 -29.31 8.38
C LYS A 85 -1.19 -29.19 7.18
N LEU A 86 -0.63 -28.00 6.93
CA LEU A 86 0.32 -27.77 5.82
C LEU A 86 1.79 -27.87 6.26
N ASN A 87 1.97 -28.27 7.50
CA ASN A 87 3.29 -28.42 8.10
C ASN A 87 4.13 -27.15 8.16
N CYS A 88 3.46 -26.04 8.48
CA CYS A 88 4.14 -24.77 8.63
C CYS A 88 4.12 -24.41 10.11
N ARG A 89 5.25 -23.97 10.62
CA ARG A 89 5.40 -23.63 12.02
C ARG A 89 5.29 -22.11 12.08
N ILE A 90 4.18 -21.62 12.64
CA ILE A 90 3.93 -20.19 12.69
C ILE A 90 4.71 -19.58 13.86
N LEU A 91 5.53 -18.59 13.57
CA LEU A 91 6.39 -17.96 14.57
C LEU A 91 5.79 -16.68 15.15
N GLY A 92 4.66 -16.22 14.61
CA GLY A 92 4.13 -14.96 15.09
C GLY A 92 3.16 -14.41 14.05
N VAL A 93 2.55 -13.29 14.36
CA VAL A 93 1.55 -12.63 13.51
C VAL A 93 1.97 -11.23 13.28
N GLY A 94 1.98 -10.84 12.03
CA GLY A 94 2.23 -9.46 11.60
C GLY A 94 1.01 -8.89 10.99
N ILE A 95 0.72 -7.64 11.34
CA ILE A 95 -0.49 -6.97 10.85
C ILE A 95 -0.06 -5.69 10.13
N SER A 96 -0.49 -5.62 8.88
CA SER A 96 -0.44 -4.45 8.01
C SER A 96 -1.82 -3.85 8.03
N THR A 97 -1.94 -2.56 8.35
CA THR A 97 -3.21 -1.88 8.32
C THR A 97 -3.07 -0.44 7.83
N GLY A 98 -4.05 0.02 7.09
CA GLY A 98 -4.24 1.47 6.84
C GLY A 98 -4.37 2.16 8.22
N GLY A 99 -3.99 3.43 8.32
CA GLY A 99 -4.09 4.18 9.54
C GLY A 99 -2.69 4.51 10.11
N ARG A 100 -2.67 5.44 11.04
CA ARG A 100 -1.52 5.73 11.85
C ARG A 100 -1.40 4.72 12.98
N VAL A 101 -0.24 4.13 13.13
CA VAL A 101 -0.06 3.00 14.07
C VAL A 101 1.14 3.25 14.95
N ASN A 102 0.99 2.91 16.23
CA ASN A 102 2.10 2.76 17.15
C ASN A 102 2.61 1.32 17.21
N PRO A 103 3.68 1.02 16.48
CA PRO A 103 4.10 -0.38 16.37
C PRO A 103 4.67 -0.93 17.67
N ARG A 104 5.22 -0.06 18.51
CA ARG A 104 5.78 -0.50 19.77
C ARG A 104 4.68 -1.04 20.67
N GLU A 105 3.52 -0.40 20.67
CA GLU A 105 2.45 -0.86 21.52
C GLU A 105 1.38 -1.72 20.80
N GLY A 106 1.41 -1.76 19.48
CA GLY A 106 0.52 -2.57 18.67
C GLY A 106 -0.89 -1.95 18.66
N ILE A 107 -0.94 -0.63 18.58
CA ILE A 107 -2.21 0.14 18.66
C ILE A 107 -2.40 0.87 17.34
N VAL A 108 -3.61 0.77 16.78
CA VAL A 108 -4.01 1.59 15.64
C VAL A 108 -4.49 2.91 16.25
N LEU A 109 -3.80 4.00 15.98
CA LEU A 109 -4.08 5.27 16.63
C LEU A 109 -5.28 6.01 15.96
N HIS A 110 -5.25 6.15 14.66
CA HIS A 110 -6.23 6.96 13.91
C HIS A 110 -6.29 6.52 12.50
N SER A 111 -7.50 6.44 11.94
CA SER A 111 -7.67 6.06 10.57
C SER A 111 -8.52 7.08 9.85
N THR A 112 -8.22 7.26 8.55
CA THR A 112 -9.15 7.97 7.70
C THR A 112 -10.35 7.04 7.53
N LYS A 113 -11.43 7.60 6.97
CA LYS A 113 -12.65 6.87 6.72
C LYS A 113 -12.55 5.71 5.75
N LEU A 114 -11.45 5.50 5.07
CA LEU A 114 -11.26 4.26 4.34
C LEU A 114 -11.40 3.05 5.21
N ILE A 115 -11.11 3.19 6.52
CA ILE A 115 -11.44 2.12 7.47
C ILE A 115 -12.13 2.78 8.63
N GLN A 116 -13.44 2.68 8.65
CA GLN A 116 -14.28 3.32 9.72
C GLN A 116 -14.14 2.56 11.04
N GLU A 117 -14.31 3.29 12.14
CA GLU A 117 -14.30 2.65 13.48
C GLU A 117 -12.97 1.94 13.71
N TRP A 118 -11.87 2.67 13.59
CA TRP A 118 -10.53 2.09 13.66
C TRP A 118 -9.58 3.14 14.22
N ASN A 119 -9.85 3.42 15.48
CA ASN A 119 -9.24 4.51 16.24
C ASN A 119 -8.99 4.01 17.64
N SER A 120 -7.75 4.18 18.11
N SER A 120 -7.76 4.19 18.14
CA SER A 120 -7.34 3.77 19.47
CA SER A 120 -7.44 3.80 19.52
C SER A 120 -7.63 2.32 19.69
C SER A 120 -7.65 2.31 19.71
N VAL A 121 -7.27 1.51 18.73
CA VAL A 121 -7.53 0.08 18.79
C VAL A 121 -6.27 -0.73 19.13
N ASP A 122 -6.33 -1.44 20.25
CA ASP A 122 -5.25 -2.37 20.63
C ASP A 122 -5.45 -3.67 19.85
N LEU A 123 -4.60 -3.91 18.89
CA LEU A 123 -4.65 -5.15 18.15
C LEU A 123 -3.79 -6.25 18.77
N ARG A 124 -2.73 -5.86 19.43
CA ARG A 124 -1.82 -6.87 20.01
C ARG A 124 -2.52 -7.70 21.04
N THR A 125 -3.27 -7.07 21.95
CA THR A 125 -3.83 -7.85 23.05
C THR A 125 -4.78 -8.97 22.59
N PRO A 126 -5.79 -8.63 21.77
CA PRO A 126 -6.79 -9.66 21.41
C PRO A 126 -6.21 -10.79 20.53
N LEU A 127 -5.27 -10.43 19.67
CA LEU A 127 -4.65 -11.41 18.81
C LEU A 127 -3.71 -12.30 19.59
N SER A 128 -2.91 -11.70 20.47
N SER A 128 -2.92 -11.70 20.45
CA SER A 128 -1.94 -12.49 21.21
CA SER A 128 -1.95 -12.47 21.20
C SER A 128 -2.67 -13.36 22.24
C SER A 128 -2.68 -13.36 22.21
N ASP A 129 -3.75 -12.85 22.83
CA ASP A 129 -4.56 -13.66 23.74
C ASP A 129 -5.27 -14.84 23.06
N THR A 130 -5.74 -14.64 21.83
CA THR A 130 -6.49 -15.67 21.11
C THR A 130 -5.55 -16.71 20.54
N LEU A 131 -4.44 -16.24 19.94
CA LEU A 131 -3.56 -17.16 19.20
C LEU A 131 -2.33 -17.59 19.96
N HIS A 132 -2.04 -16.95 21.09
CA HIS A 132 -0.85 -17.30 21.84
C HIS A 132 0.43 -17.17 20.99
N LEU A 133 0.53 -16.02 20.33
CA LEU A 133 1.63 -15.68 19.45
C LEU A 133 2.03 -14.22 19.67
N PRO A 134 3.29 -13.89 19.40
CA PRO A 134 3.63 -12.48 19.45
C PRO A 134 3.04 -11.80 18.24
N VAL A 135 2.76 -10.52 18.35
CA VAL A 135 2.03 -9.75 17.31
C VAL A 135 2.74 -8.41 17.06
N TRP A 136 3.00 -8.14 15.78
CA TRP A 136 3.53 -6.86 15.33
C TRP A 136 2.53 -6.20 14.49
N VAL A 137 2.51 -4.86 14.53
CA VAL A 137 1.53 -4.11 13.77
C VAL A 137 2.27 -2.86 13.18
N ASP A 138 2.00 -2.54 11.90
CA ASP A 138 2.48 -1.28 11.33
C ASP A 138 1.51 -0.86 10.25
N ASN A 139 1.66 0.37 9.83
CA ASN A 139 0.92 0.88 8.68
C ASN A 139 1.28 0.10 7.39
N ASP A 140 0.33 -0.02 6.51
CA ASP A 140 0.43 -0.90 5.31
C ASP A 140 1.49 -0.40 4.31
N GLY A 141 1.63 0.91 4.19
CA GLY A 141 2.75 1.42 3.39
C GLY A 141 4.13 1.19 4.02
N ASN A 142 4.22 1.31 5.35
CA ASN A 142 5.43 1.00 6.03
C ASN A 142 5.73 -0.52 5.87
N CYS A 143 4.73 -1.37 5.92
CA CYS A 143 4.94 -2.80 5.67
C CYS A 143 5.41 -3.01 4.24
N ALA A 144 4.84 -2.32 3.30
CA ALA A 144 5.29 -2.44 1.92
C ALA A 144 6.78 -2.17 1.81
N ALA A 145 7.26 -1.13 2.50
CA ALA A 145 8.69 -0.80 2.52
C ALA A 145 9.50 -1.94 3.09
N LEU A 146 9.01 -2.50 4.20
CA LEU A 146 9.71 -3.62 4.80
C LEU A 146 9.78 -4.78 3.87
N ALA A 147 8.72 -5.05 3.13
CA ALA A 147 8.82 -6.15 2.14
C ALA A 147 9.84 -5.87 1.07
N GLU A 148 9.88 -4.63 0.56
CA GLU A 148 10.85 -4.26 -0.48
C GLU A 148 12.28 -4.35 0.02
N ARG A 149 12.49 -4.08 1.32
CA ARG A 149 13.79 -4.19 1.96
C ARG A 149 14.23 -5.64 2.14
N LYS A 150 13.29 -6.52 2.45
CA LYS A 150 13.66 -7.93 2.67
C LYS A 150 13.67 -8.81 1.41
N PHE A 151 12.65 -8.68 0.59
CA PHE A 151 12.40 -9.57 -0.55
C PHE A 151 12.56 -8.86 -1.89
N GLY A 152 12.48 -7.53 -1.93
CA GLY A 152 12.36 -6.77 -3.21
C GLY A 152 13.56 -5.96 -3.57
N GLN A 153 13.28 -4.96 -4.40
CA GLN A 153 14.36 -4.15 -4.98
C GLN A 153 15.01 -3.16 -4.01
N GLY A 154 14.54 -3.09 -2.80
CA GLY A 154 15.15 -2.29 -1.75
C GLY A 154 16.21 -3.02 -0.93
N LYS A 155 16.47 -4.30 -1.23
N LYS A 155 16.45 -4.30 -1.22
CA LYS A 155 17.37 -5.05 -0.40
CA LYS A 155 17.43 -5.08 -0.46
C LYS A 155 18.74 -4.41 -0.42
C LYS A 155 18.76 -4.37 -0.43
N GLY A 156 19.31 -4.21 0.77
CA GLY A 156 20.66 -3.65 0.85
C GLY A 156 20.77 -2.13 0.68
N LEU A 157 19.68 -1.42 0.39
CA LEU A 157 19.84 -0.02 0.05
C LEU A 157 19.70 0.81 1.33
N GLU A 158 20.54 1.83 1.47
N GLU A 158 20.49 1.87 1.46
CA GLU A 158 20.42 2.73 2.62
CA GLU A 158 20.39 2.79 2.63
C GLU A 158 19.13 3.50 2.57
C GLU A 158 19.10 3.63 2.66
N ASN A 159 18.72 3.93 1.38
N ASN A 159 18.73 4.16 1.47
CA ASN A 159 17.55 4.80 1.32
CA ASN A 159 17.67 5.21 1.28
C ASN A 159 16.74 4.58 0.06
C ASN A 159 16.70 4.98 0.09
N PHE A 160 15.48 4.44 0.32
CA PHE A 160 14.54 4.25 -0.73
C PHE A 160 13.17 4.63 -0.17
N VAL A 161 12.24 4.88 -1.08
CA VAL A 161 10.86 5.13 -0.75
C VAL A 161 9.97 4.27 -1.59
N THR A 162 8.84 3.87 -1.03
CA THR A 162 7.86 3.14 -1.82
C THR A 162 6.48 3.85 -1.72
N LEU A 163 5.76 3.81 -2.83
CA LEU A 163 4.37 4.22 -2.85
C LEU A 163 3.58 3.04 -3.35
N ILE A 164 2.56 2.64 -2.59
CA ILE A 164 1.73 1.49 -2.93
C ILE A 164 0.34 1.96 -3.27
N THR A 165 -0.13 1.71 -4.50
CA THR A 165 -1.38 2.14 -4.92
C THR A 165 -2.37 0.96 -4.76
N GLY A 166 -3.48 1.23 -4.12
CA GLY A 166 -4.56 0.22 -3.90
C GLY A 166 -5.85 0.99 -3.94
N THR A 167 -6.72 0.70 -2.95
CA THR A 167 -7.84 1.61 -2.70
C THR A 167 -7.40 3.03 -2.46
N GLY A 168 -6.46 3.15 -1.49
CA GLY A 168 -5.83 4.41 -1.13
C GLY A 168 -4.41 4.38 -1.71
N ILE A 169 -3.59 5.39 -1.39
CA ILE A 169 -2.14 5.30 -1.67
C ILE A 169 -1.37 5.32 -0.39
N GLY A 170 -0.55 4.32 -0.19
CA GLY A 170 0.29 4.21 1.01
C GLY A 170 1.75 4.53 0.69
N GLY A 171 2.50 4.88 1.72
CA GLY A 171 3.93 5.16 1.52
C GLY A 171 4.73 4.55 2.63
N GLY A 172 6.00 4.37 2.36
CA GLY A 172 6.93 3.91 3.33
C GLY A 172 8.31 4.44 2.97
N ILE A 173 9.05 4.88 3.99
CA ILE A 173 10.37 5.51 3.79
C ILE A 173 11.40 4.74 4.54
N ILE A 174 12.45 4.28 3.84
CA ILE A 174 13.63 3.68 4.48
C ILE A 174 14.76 4.73 4.35
N HIS A 175 15.38 5.05 5.46
CA HIS A 175 16.48 6.01 5.54
C HIS A 175 17.48 5.38 6.51
N GLN A 176 18.74 5.34 6.11
CA GLN A 176 19.77 4.60 6.88
C GLN A 176 19.35 3.19 7.19
N HIS A 177 18.73 2.53 6.21
N HIS A 177 18.79 2.53 6.17
CA HIS A 177 18.35 1.12 6.34
CA HIS A 177 18.23 1.16 6.24
C HIS A 177 17.08 0.81 7.18
C HIS A 177 17.24 0.86 7.38
N GLU A 178 16.45 1.85 7.73
CA GLU A 178 15.37 1.66 8.68
C GLU A 178 14.20 2.55 8.38
N LEU A 179 13.02 2.14 8.84
CA LEU A 179 11.79 2.92 8.56
C LEU A 179 11.87 4.21 9.28
N ILE A 180 11.33 5.25 8.68
CA ILE A 180 11.06 6.49 9.41
C ILE A 180 9.62 6.42 9.82
N HIS A 181 9.35 6.51 11.12
CA HIS A 181 8.01 6.53 11.62
C HIS A 181 7.55 7.93 11.96
N GLY A 182 8.46 8.84 12.23
CA GLY A 182 8.09 10.22 12.54
C GLY A 182 7.85 10.47 14.00
N SER A 183 7.76 11.74 14.35
CA SER A 183 7.61 12.09 15.74
C SER A 183 6.23 11.66 16.32
N SER A 184 5.21 11.42 15.52
CA SER A 184 3.90 11.03 15.99
C SER A 184 3.30 9.90 15.17
N PHE A 185 4.19 9.07 14.62
CA PHE A 185 3.88 7.90 13.79
C PHE A 185 3.09 8.26 12.56
N CYS A 186 3.35 9.46 11.97
CA CYS A 186 2.61 9.89 10.80
C CYS A 186 3.56 10.17 9.63
N ALA A 187 4.85 9.73 9.75
CA ALA A 187 5.70 9.84 8.59
C ALA A 187 5.25 8.90 7.50
N ALA A 188 5.62 9.25 6.27
CA ALA A 188 5.28 8.49 5.08
C ALA A 188 3.80 8.26 4.81
N GLU A 189 2.95 9.22 5.20
CA GLU A 189 1.52 9.26 4.75
C GLU A 189 1.48 9.93 3.39
N LEU A 190 2.13 9.26 2.47
CA LEU A 190 2.47 9.82 1.15
C LEU A 190 1.27 9.97 0.25
N GLY A 191 0.20 9.21 0.51
CA GLY A 191 -1.02 9.47 -0.21
C GLY A 191 -1.61 10.80 0.02
N HIS A 192 -1.19 11.46 1.13
CA HIS A 192 -1.68 12.81 1.48
C HIS A 192 -0.65 13.91 1.29
N LEU A 193 0.27 13.67 0.34
CA LEU A 193 1.00 14.77 -0.32
C LEU A 193 0.03 15.55 -1.19
N VAL A 194 0.10 16.88 -1.12
CA VAL A 194 -0.83 17.76 -1.75
C VAL A 194 -0.17 18.39 -2.92
N VAL A 195 -0.80 18.31 -4.11
CA VAL A 195 -0.24 18.81 -5.34
C VAL A 195 -1.20 19.78 -6.07
N SER A 196 -2.15 20.30 -5.32
CA SER A 196 -3.03 21.38 -5.83
C SER A 196 -3.45 22.30 -4.69
N LEU A 197 -3.71 23.56 -5.00
CA LEU A 197 -4.30 24.47 -4.03
C LEU A 197 -5.77 24.18 -3.85
N ASP A 198 -6.34 23.51 -4.83
CA ASP A 198 -7.73 23.12 -4.82
C ASP A 198 -7.86 21.62 -5.03
N GLY A 199 -8.37 21.18 -6.16
CA GLY A 199 -8.28 19.78 -6.47
C GLY A 199 -9.42 18.96 -5.92
N PRO A 200 -9.43 17.67 -6.25
CA PRO A 200 -10.52 16.79 -5.80
C PRO A 200 -10.46 16.53 -4.30
N ASP A 201 -11.62 16.25 -3.72
CA ASP A 201 -11.65 15.98 -2.29
C ASP A 201 -11.00 14.63 -2.04
N CYS A 202 -10.30 14.50 -0.90
CA CYS A 202 -9.71 13.28 -0.44
C CYS A 202 -10.57 12.74 0.68
N SER A 203 -10.66 11.43 0.78
CA SER A 203 -11.31 10.82 1.94
C SER A 203 -10.69 11.22 3.28
N CYS A 204 -9.43 11.65 3.28
CA CYS A 204 -8.82 12.11 4.54
C CYS A 204 -9.46 13.41 5.06
N GLY A 205 -10.27 14.08 4.24
CA GLY A 205 -10.90 15.35 4.58
C GLY A 205 -10.26 16.61 3.94
N SER A 206 -9.11 16.44 3.40
CA SER A 206 -8.34 17.44 2.59
C SER A 206 -8.82 17.42 1.12
N HIS A 207 -8.07 18.05 0.27
CA HIS A 207 -8.35 18.10 -1.17
C HIS A 207 -7.03 18.34 -1.83
N GLY A 208 -6.88 17.74 -3.03
CA GLY A 208 -5.66 17.90 -3.80
C GLY A 208 -4.55 16.88 -3.44
N CYS A 209 -4.83 16.01 -2.51
CA CYS A 209 -3.90 14.88 -2.17
C CYS A 209 -3.67 13.98 -3.36
N ILE A 210 -2.49 13.44 -3.52
CA ILE A 210 -2.28 12.49 -4.60
C ILE A 210 -3.27 11.30 -4.58
N GLU A 211 -3.65 10.84 -3.38
CA GLU A 211 -4.64 9.78 -3.30
C GLU A 211 -5.97 10.18 -3.95
N ALA A 212 -6.34 11.45 -3.86
CA ALA A 212 -7.60 11.94 -4.40
C ALA A 212 -7.61 12.01 -5.93
N TYR A 213 -6.42 12.01 -6.53
CA TYR A 213 -6.25 11.89 -7.96
C TYR A 213 -6.04 10.49 -8.48
N ALA A 214 -5.21 9.69 -7.78
CA ALA A 214 -4.52 8.59 -8.47
C ALA A 214 -4.79 7.23 -7.82
N SER A 215 -5.43 7.20 -6.68
CA SER A 215 -5.75 5.91 -6.05
C SER A 215 -6.76 5.12 -6.88
N GLY A 216 -6.89 3.82 -6.56
CA GLY A 216 -7.93 2.98 -7.10
C GLY A 216 -9.31 3.55 -6.89
N MET A 217 -9.60 4.06 -5.71
N MET A 217 -9.56 4.03 -5.69
CA MET A 217 -10.94 4.59 -5.48
CA MET A 217 -10.85 4.63 -5.37
C MET A 217 -11.16 5.91 -6.24
C MET A 217 -11.11 5.86 -6.24
N ALA A 218 -10.10 6.67 -6.44
CA ALA A 218 -10.22 7.88 -7.26
C ALA A 218 -10.53 7.51 -8.70
N LEU A 219 -9.81 6.54 -9.25
CA LEU A 219 -10.05 6.14 -10.64
C LEU A 219 -11.39 5.45 -10.81
N GLN A 220 -11.71 4.60 -9.85
CA GLN A 220 -13.02 3.93 -9.84
C GLN A 220 -14.13 4.96 -9.92
N ARG A 221 -14.04 5.98 -9.09
CA ARG A 221 -15.05 7.04 -9.11
C ARG A 221 -15.13 7.70 -10.49
N GLU A 222 -13.98 8.05 -11.06
CA GLU A 222 -13.95 8.73 -12.38
C GLU A 222 -14.46 7.84 -13.49
N ALA A 223 -14.19 6.52 -13.42
CA ALA A 223 -14.72 5.55 -14.38
C ALA A 223 -16.22 5.44 -14.28
N LYS A 224 -16.70 5.42 -13.05
CA LYS A 224 -18.13 5.28 -12.73
C LYS A 224 -18.88 6.50 -13.19
N LYS A 225 -18.25 7.65 -13.06
CA LYS A 225 -18.79 8.89 -13.57
C LYS A 225 -18.91 8.81 -15.08
N LEU A 226 -17.83 8.60 -15.83
CA LEU A 226 -17.94 8.33 -17.31
C LEU A 226 -18.95 7.26 -17.71
N HIS A 227 -18.91 6.08 -17.08
CA HIS A 227 -19.87 5.05 -17.44
C HIS A 227 -21.34 5.47 -17.19
N ASP A 228 -21.57 6.27 -16.14
CA ASP A 228 -22.89 6.89 -15.85
C ASP A 228 -23.40 7.71 -17.07
N GLU A 229 -22.47 8.41 -17.75
CA GLU A 229 -22.73 9.30 -18.91
C GLU A 229 -22.43 8.63 -20.30
N ASP A 230 -22.47 7.31 -20.26
CA ASP A 230 -22.25 6.43 -21.40
C ASP A 230 -20.96 6.74 -22.15
N LEU A 231 -19.94 7.14 -21.39
CA LEU A 231 -18.71 7.74 -21.90
C LEU A 231 -17.37 7.00 -21.71
N LEU A 232 -17.44 5.81 -21.16
CA LEU A 232 -16.31 4.96 -20.90
C LEU A 232 -16.12 3.85 -21.96
N LEU A 233 -17.22 3.13 -22.30
CA LEU A 233 -17.10 1.92 -23.11
C LEU A 233 -16.72 2.35 -24.52
N VAL A 234 -15.94 1.50 -25.20
CA VAL A 234 -15.44 1.74 -26.55
C VAL A 234 -15.31 0.41 -27.29
N GLU A 235 -15.34 0.44 -28.63
CA GLU A 235 -15.38 -0.86 -29.33
C GLU A 235 -14.27 -1.78 -28.77
N GLY A 236 -14.67 -3.00 -28.39
CA GLY A 236 -13.75 -4.00 -27.85
C GLY A 236 -13.74 -4.28 -26.35
N MET A 237 -14.74 -3.81 -25.58
CA MET A 237 -15.00 -4.24 -24.19
C MET A 237 -16.52 -4.26 -23.99
N SER A 238 -17.04 -4.42 -22.77
CA SER A 238 -18.50 -4.34 -22.53
C SER A 238 -18.98 -4.09 -21.09
N ALA A 244 -20.31 -2.72 -11.88
CA ALA A 244 -19.09 -3.41 -11.53
C ALA A 244 -17.85 -2.64 -12.07
N VAL A 245 -17.98 -1.34 -12.23
CA VAL A 245 -16.98 -0.56 -12.98
C VAL A 245 -15.79 -0.16 -12.08
N GLY A 246 -14.57 -0.18 -12.62
CA GLY A 246 -13.37 0.10 -11.81
C GLY A 246 -12.22 0.75 -12.56
N ALA A 247 -11.09 0.83 -11.88
CA ALA A 247 -9.92 1.45 -12.44
C ALA A 247 -9.45 0.76 -13.72
N LEU A 248 -9.49 -0.58 -13.75
CA LEU A 248 -8.96 -1.28 -14.94
C LEU A 248 -9.76 -1.04 -16.23
N HIS A 249 -11.06 -0.78 -16.06
CA HIS A 249 -11.91 -0.34 -17.17
C HIS A 249 -11.49 0.99 -17.76
N LEU A 250 -11.15 1.92 -16.87
CA LEU A 250 -10.71 3.21 -17.33
C LEU A 250 -9.40 3.04 -18.14
N ILE A 251 -8.51 2.19 -17.65
CA ILE A 251 -7.21 1.94 -18.29
C ILE A 251 -7.40 1.18 -19.61
N GLN A 252 -8.27 0.15 -19.62
CA GLN A 252 -8.60 -0.54 -20.87
C GLN A 252 -9.15 0.44 -21.87
N ALA A 253 -10.06 1.30 -21.45
CA ALA A 253 -10.70 2.20 -22.40
C ALA A 253 -9.65 3.11 -22.98
N ALA A 254 -8.71 3.53 -22.13
CA ALA A 254 -7.67 4.44 -22.57
C ALA A 254 -6.76 3.79 -23.62
N LYS A 255 -6.35 2.54 -23.40
CA LYS A 255 -5.59 1.79 -24.43
C LYS A 255 -6.35 1.67 -25.72
N LEU A 256 -7.67 1.55 -25.66
CA LEU A 256 -8.49 1.45 -26.85
C LEU A 256 -8.93 2.75 -27.38
N GLY A 257 -8.23 3.81 -27.06
CA GLY A 257 -8.48 5.14 -27.66
C GLY A 257 -9.57 6.05 -27.08
N ASN A 258 -10.07 5.78 -25.87
CA ASN A 258 -11.07 6.68 -25.22
C ASN A 258 -10.38 7.96 -24.74
N ALA A 259 -10.77 9.12 -25.31
CA ALA A 259 -10.04 10.39 -25.05
C ALA A 259 -10.26 10.92 -23.66
N LYS A 260 -11.48 10.82 -23.17
CA LYS A 260 -11.77 11.21 -21.82
C LYS A 260 -10.99 10.32 -20.80
N ALA A 261 -10.91 8.99 -21.03
CA ALA A 261 -10.15 8.08 -20.13
C ALA A 261 -8.62 8.39 -20.13
N GLN A 262 -8.05 8.59 -21.31
CA GLN A 262 -6.63 8.97 -21.41
C GLN A 262 -6.36 10.25 -20.64
N SER A 263 -7.21 11.25 -20.80
CA SER A 263 -7.01 12.53 -20.11
C SER A 263 -7.08 12.35 -18.58
N ILE A 264 -8.06 11.59 -18.09
CA ILE A 264 -8.15 11.33 -16.67
C ILE A 264 -6.89 10.61 -16.20
N LEU A 265 -6.42 9.60 -16.94
CA LEU A 265 -5.24 8.89 -16.51
C LEU A 265 -3.94 9.73 -16.56
N ARG A 266 -3.81 10.57 -17.58
CA ARG A 266 -2.71 11.56 -17.56
C ARG A 266 -2.72 12.51 -16.35
N THR A 267 -3.89 13.04 -15.99
CA THR A 267 -4.00 13.92 -14.81
C THR A 267 -3.59 13.16 -13.55
N ALA A 268 -4.08 11.94 -13.41
CA ALA A 268 -3.79 11.08 -12.29
C ALA A 268 -2.35 10.78 -12.19
N GLY A 269 -1.77 10.41 -13.33
CA GLY A 269 -0.35 10.06 -13.32
C GLY A 269 0.52 11.29 -13.07
N THR A 270 0.10 12.46 -13.53
CA THR A 270 0.87 13.71 -13.33
C THR A 270 0.85 14.04 -11.87
N ALA A 271 -0.33 13.94 -11.26
CA ALA A 271 -0.38 14.17 -9.82
C ALA A 271 0.51 13.28 -9.01
N LEU A 272 0.47 11.96 -9.26
CA LEU A 272 1.37 11.03 -8.63
C LEU A 272 2.85 11.40 -8.87
N GLY A 273 3.12 11.75 -10.13
CA GLY A 273 4.47 12.20 -10.44
C GLY A 273 4.94 13.37 -9.59
N LEU A 274 4.04 14.35 -9.40
CA LEU A 274 4.38 15.50 -8.60
C LEU A 274 4.57 15.13 -7.16
N GLY A 275 3.76 14.18 -6.71
CA GLY A 275 4.03 13.61 -5.35
C GLY A 275 5.45 13.07 -5.27
N VAL A 276 5.86 12.33 -6.28
CA VAL A 276 7.17 11.75 -6.30
C VAL A 276 8.21 12.91 -6.31
N VAL A 277 8.00 13.92 -7.13
CA VAL A 277 8.95 15.07 -7.14
C VAL A 277 9.10 15.65 -5.73
N ASN A 278 7.99 15.79 -5.01
N ASN A 278 7.97 15.83 -5.05
CA ASN A 278 8.07 16.28 -3.61
CA ASN A 278 7.97 16.27 -3.64
C ASN A 278 8.93 15.37 -2.74
C ASN A 278 8.90 15.40 -2.80
N ILE A 279 8.75 14.10 -2.93
CA ILE A 279 9.58 13.14 -2.20
C ILE A 279 11.07 13.29 -2.54
N LEU A 280 11.35 13.42 -3.82
CA LEU A 280 12.75 13.55 -4.26
C LEU A 280 13.39 14.80 -3.64
N HIS A 281 12.67 15.91 -3.64
CA HIS A 281 13.20 17.18 -3.18
C HIS A 281 13.17 17.29 -1.65
N THR A 282 12.49 16.31 -1.01
CA THR A 282 12.49 16.24 0.45
C THR A 282 13.57 15.30 0.96
N MET A 283 13.39 14.02 0.68
CA MET A 283 14.31 12.92 1.05
C MET A 283 15.46 12.60 0.11
N ASN A 284 15.27 12.84 -1.18
CA ASN A 284 16.32 12.51 -2.18
C ASN A 284 16.78 11.07 -2.02
N PRO A 285 15.79 10.13 -2.09
CA PRO A 285 16.18 8.73 -2.05
C PRO A 285 16.92 8.26 -3.31
N SER A 286 17.63 7.11 -3.24
CA SER A 286 18.31 6.55 -4.45
C SER A 286 17.34 5.83 -5.37
N LEU A 287 16.18 5.41 -4.82
CA LEU A 287 15.23 4.52 -5.51
C LEU A 287 13.81 4.82 -5.00
N VAL A 288 12.89 4.90 -5.93
CA VAL A 288 11.46 4.95 -5.68
C VAL A 288 10.85 3.69 -6.28
N ILE A 289 10.15 2.92 -5.44
CA ILE A 289 9.45 1.72 -5.88
C ILE A 289 7.96 1.96 -5.88
N LEU A 290 7.34 1.82 -7.02
CA LEU A 290 5.89 1.90 -7.17
C LEU A 290 5.30 0.54 -7.21
N SER A 291 4.27 0.32 -6.40
CA SER A 291 3.67 -1.01 -6.28
C SER A 291 2.17 -0.92 -6.31
N GLY A 292 1.50 -2.08 -6.40
CA GLY A 292 0.04 -2.14 -6.66
C GLY A 292 -0.21 -2.25 -8.13
N VAL A 293 -1.38 -2.70 -8.54
CA VAL A 293 -1.49 -3.04 -9.92
C VAL A 293 -1.44 -1.82 -10.80
N LEU A 294 -1.81 -0.67 -10.26
CA LEU A 294 -1.73 0.56 -11.04
C LEU A 294 -0.28 1.05 -11.34
N ALA A 295 0.67 0.57 -10.57
CA ALA A 295 2.12 1.00 -10.78
C ALA A 295 2.62 0.91 -12.19
N SER A 296 2.24 -0.18 -12.88
CA SER A 296 2.70 -0.38 -14.21
C SER A 296 2.11 0.62 -15.11
N HIS A 297 0.88 1.07 -14.80
CA HIS A 297 0.23 2.05 -15.67
C HIS A 297 0.76 3.46 -15.46
N TYR A 298 1.25 3.76 -14.27
CA TYR A 298 1.73 5.09 -13.95
C TYR A 298 3.23 5.31 -14.13
N ILE A 299 4.03 4.26 -14.18
CA ILE A 299 5.49 4.49 -14.13
C ILE A 299 6.02 5.42 -15.23
N HIS A 300 5.52 5.33 -16.45
N HIS A 300 5.51 5.21 -16.46
CA HIS A 300 6.09 6.16 -17.53
CA HIS A 300 5.89 5.98 -17.68
C HIS A 300 5.74 7.65 -17.31
C HIS A 300 5.76 7.45 -17.39
N ILE A 301 4.52 7.95 -16.85
N ILE A 301 4.53 7.79 -16.98
CA ILE A 301 4.16 9.32 -16.63
CA ILE A 301 4.15 9.16 -16.66
C ILE A 301 4.90 9.88 -15.47
C ILE A 301 4.93 9.81 -15.53
N VAL A 302 5.10 9.08 -14.43
CA VAL A 302 5.87 9.53 -13.28
C VAL A 302 7.32 9.88 -13.72
N LYS A 303 7.92 9.00 -14.50
CA LYS A 303 9.26 9.26 -14.98
C LYS A 303 9.31 10.57 -15.83
N ASP A 304 8.30 10.77 -16.67
N ASP A 304 8.29 10.81 -16.64
CA ASP A 304 8.22 11.96 -17.52
CA ASP A 304 8.30 12.02 -17.46
C ASP A 304 8.09 13.25 -16.70
C ASP A 304 8.16 13.27 -16.63
N VAL A 305 7.29 13.24 -15.62
CA VAL A 305 7.12 14.39 -14.75
C VAL A 305 8.42 14.70 -14.03
N ILE A 306 9.10 13.64 -13.57
CA ILE A 306 10.42 13.87 -12.95
C ILE A 306 11.38 14.54 -13.93
N ARG A 307 11.47 13.97 -15.10
CA ARG A 307 12.28 14.45 -16.18
C ARG A 307 12.02 15.95 -16.43
N GLN A 308 10.75 16.30 -16.51
N GLN A 308 10.75 16.29 -16.57
CA GLN A 308 10.29 17.63 -16.95
CA GLN A 308 10.38 17.65 -16.97
C GLN A 308 10.30 18.68 -15.85
C GLN A 308 10.56 18.64 -15.85
N GLN A 309 10.29 18.24 -14.61
CA GLN A 309 10.14 19.17 -13.53
C GLN A 309 11.12 19.08 -12.37
N ALA A 310 11.67 17.91 -12.06
CA ALA A 310 12.51 17.85 -10.86
C ALA A 310 13.89 18.47 -11.11
N LEU A 311 14.61 18.76 -10.05
CA LEU A 311 15.97 19.32 -10.19
C LEU A 311 16.93 18.33 -10.83
N SER A 312 17.96 18.82 -11.50
N SER A 312 17.92 18.87 -11.53
CA SER A 312 18.86 17.94 -12.22
CA SER A 312 18.94 18.07 -12.18
C SER A 312 19.57 16.94 -11.28
C SER A 312 19.39 16.97 -11.24
N SER A 313 19.79 17.36 -10.03
CA SER A 313 20.49 16.44 -9.08
C SER A 313 19.71 15.26 -8.66
N VAL A 314 18.39 15.20 -8.94
CA VAL A 314 17.63 13.97 -8.61
C VAL A 314 17.30 13.14 -9.84
N GLN A 315 17.83 13.55 -10.99
CA GLN A 315 17.48 12.86 -12.25
C GLN A 315 18.06 11.47 -12.34
N ASP A 316 19.06 11.20 -11.52
N ASP A 316 19.10 11.11 -11.60
CA ASP A 316 19.71 9.89 -11.43
CA ASP A 316 19.61 9.71 -11.67
C ASP A 316 18.94 8.91 -10.55
C ASP A 316 18.83 8.82 -10.69
N VAL A 317 17.81 9.35 -9.99
CA VAL A 317 16.96 8.50 -9.17
C VAL A 317 16.39 7.36 -10.01
N ASP A 318 16.41 6.17 -9.44
CA ASP A 318 15.84 5.02 -10.13
C ASP A 318 14.40 4.89 -9.71
N VAL A 319 13.51 4.73 -10.65
CA VAL A 319 12.08 4.57 -10.38
C VAL A 319 11.71 3.27 -10.99
N VAL A 320 11.16 2.37 -10.17
CA VAL A 320 10.86 1.02 -10.68
C VAL A 320 9.48 0.58 -10.24
N VAL A 321 8.98 -0.44 -10.92
CA VAL A 321 7.77 -1.09 -10.47
C VAL A 321 8.23 -2.25 -9.61
N SER A 322 7.54 -2.46 -8.51
CA SER A 322 7.80 -3.59 -7.60
C SER A 322 7.68 -4.92 -8.35
N ASP A 323 8.60 -5.82 -7.99
CA ASP A 323 8.52 -7.23 -8.40
C ASP A 323 7.87 -8.14 -7.41
N LEU A 324 7.26 -7.64 -6.35
CA LEU A 324 6.60 -8.42 -5.35
C LEU A 324 5.11 -8.46 -5.63
N VAL A 325 4.52 -9.63 -5.44
N VAL A 325 4.53 -9.61 -5.38
CA VAL A 325 3.05 -9.75 -5.64
CA VAL A 325 3.10 -9.77 -5.65
C VAL A 325 2.23 -8.91 -4.68
C VAL A 325 2.17 -9.10 -4.65
N ASP A 326 2.61 -8.84 -3.40
CA ASP A 326 1.77 -8.26 -2.40
C ASP A 326 2.66 -7.69 -1.28
N PRO A 327 3.15 -6.51 -1.49
CA PRO A 327 4.14 -5.95 -0.57
C PRO A 327 3.60 -5.83 0.80
N ALA A 328 2.32 -5.43 0.94
CA ALA A 328 1.90 -5.20 2.32
C ALA A 328 1.82 -6.48 3.09
N LEU A 329 1.30 -7.52 2.50
CA LEU A 329 1.18 -8.76 3.17
C LEU A 329 2.54 -9.40 3.45
N LEU A 330 3.42 -9.31 2.45
CA LEU A 330 4.81 -9.79 2.62
C LEU A 330 5.57 -8.99 3.72
N GLY A 331 5.28 -7.70 3.81
CA GLY A 331 5.95 -6.84 4.76
C GLY A 331 5.43 -7.11 6.17
N ALA A 332 4.12 -7.39 6.30
CA ALA A 332 3.59 -7.84 7.59
C ALA A 332 4.32 -9.14 8.03
N ALA A 333 4.48 -10.09 7.10
CA ALA A 333 5.23 -11.33 7.41
C ALA A 333 6.66 -10.98 7.80
N SER A 334 7.28 -10.02 7.10
CA SER A 334 8.72 -9.72 7.34
C SER A 334 8.91 -9.24 8.81
N MET A 335 7.92 -8.61 9.39
CA MET A 335 8.08 -8.15 10.81
C MET A 335 8.26 -9.37 11.73
N VAL A 336 7.48 -10.41 11.47
CA VAL A 336 7.57 -11.62 12.26
C VAL A 336 8.92 -12.30 11.98
N LEU A 337 9.22 -12.43 10.71
CA LEU A 337 10.37 -13.21 10.33
C LEU A 337 11.69 -12.62 10.76
N ASP A 338 11.82 -11.33 10.76
CA ASP A 338 13.05 -10.68 11.13
C ASP A 338 13.15 -10.44 12.64
N TYR A 339 12.04 -10.47 13.36
CA TYR A 339 12.09 -9.98 14.77
C TYR A 339 11.69 -11.00 15.82
N THR A 340 11.18 -12.15 15.40
CA THR A 340 10.68 -13.16 16.34
C THR A 340 11.86 -13.89 17.02
#